data_5O2B
#
_entry.id   5O2B
#
_cell.length_a   60.160
_cell.length_b   71.253
_cell.length_c   67.800
_cell.angle_alpha   90.00
_cell.angle_beta   103.88
_cell.angle_gamma   90.00
#
_symmetry.space_group_name_H-M   'P 1 21 1'
#
loop_
_entity.id
_entity.type
_entity.pdbx_description
1 polymer 'Serine/threonine-protein kinase WNK3'
2 non-polymer 1-cyclopentyl-3-(1H-pyrrolo[2,3-b]pyridin-5-yl)-1H-pyrazolo[3,4-d]pyrimidin-4-amine
3 non-polymer 'SODIUM ION'
4 water water
#
_entity_poly.entity_id   1
_entity_poly.type   'polypeptide(L)'
_entity_poly.pdbx_seq_one_letter_code
;SMEAEMKAVATSPSGRFLKFDIELGRGAFKTVYKGLDTETWVEVAWCELQDRKLTKAEQQRFKEEAEMLKGLQHPNIVRF
YDSWESILKGKKCIVLVTELMTSGTLKTYLKRFKVMKPKVLRSWCRQILKGLQFLHTRTPPIIHRDLKCDNIFITGPTGS
VKIGDLGLATLMRTSFAKSVIGTPEFMAPEMYEEHYDESVDVYAFGMCMLEMATSEYPYSECQNAAQIYRKVTSGIKPAS
FNKVTDPEVKEIIEGCIRQNKSERLSIRDLLNHAFFAEDTGLRVE
;
_entity_poly.pdbx_strand_id   A,B
#
# COMPACT_ATOMS: atom_id res chain seq x y z
N MET A 2 31.78 -36.15 2.06
CA MET A 2 30.67 -36.80 1.36
C MET A 2 31.03 -37.00 -0.10
N GLU A 3 30.52 -38.08 -0.70
CA GLU A 3 30.56 -38.20 -2.16
C GLU A 3 29.90 -36.99 -2.81
N ALA A 4 28.79 -36.51 -2.24
CA ALA A 4 28.07 -35.39 -2.84
C ALA A 4 28.96 -34.16 -3.02
N GLU A 5 29.99 -34.01 -2.18
CA GLU A 5 30.88 -32.86 -2.27
C GLU A 5 31.95 -33.03 -3.36
N MET A 6 31.99 -34.20 -3.99
CA MET A 6 32.99 -34.49 -5.02
C MET A 6 32.52 -34.15 -6.42
N LYS A 7 31.23 -33.95 -6.65
CA LYS A 7 30.69 -33.92 -8.01
C LYS A 7 29.73 -32.75 -8.20
N ALA A 8 30.17 -31.70 -8.88
CA ALA A 8 29.28 -30.58 -9.19
C ALA A 8 28.17 -31.05 -10.12
N VAL A 9 26.99 -30.44 -9.98
CA VAL A 9 25.88 -30.77 -10.88
C VAL A 9 25.49 -29.61 -11.79
N ALA A 10 26.04 -28.42 -11.60
CA ALA A 10 25.71 -27.29 -12.47
C ALA A 10 26.76 -26.22 -12.23
N THR A 11 26.89 -25.32 -13.21
CA THR A 11 27.88 -24.25 -13.19
C THR A 11 27.18 -22.96 -13.58
N SER A 12 27.62 -21.84 -13.01
CA SER A 12 27.05 -20.55 -13.37
C SER A 12 27.46 -20.17 -14.79
N PRO A 13 26.73 -19.24 -15.42
CA PRO A 13 27.07 -18.87 -16.80
C PRO A 13 28.50 -18.44 -16.97
N SER A 14 29.05 -17.75 -15.97
CA SER A 14 30.43 -17.29 -16.06
C SER A 14 31.43 -18.35 -15.68
N GLY A 15 31.01 -19.50 -15.14
CA GLY A 15 31.93 -20.51 -14.65
C GLY A 15 32.45 -20.23 -13.25
N ARG A 16 32.06 -19.13 -12.63
CA ARG A 16 32.63 -18.83 -11.31
C ARG A 16 32.10 -19.76 -10.21
N PHE A 17 30.84 -20.18 -10.28
CA PHE A 17 30.21 -20.89 -9.17
C PHE A 17 29.72 -22.27 -9.62
N LEU A 18 29.94 -23.26 -8.77
CA LEU A 18 29.49 -24.62 -8.97
C LEU A 18 28.35 -24.86 -7.99
N LYS A 19 27.38 -25.65 -8.40
CA LYS A 19 26.29 -26.14 -7.56
C LYS A 19 26.57 -27.60 -7.21
N PHE A 20 26.28 -27.99 -5.98
CA PHE A 20 26.35 -29.39 -5.60
C PHE A 20 24.96 -29.84 -5.20
N ASP A 21 24.67 -31.12 -5.39
CA ASP A 21 23.34 -31.61 -5.05
C ASP A 21 23.26 -31.88 -3.55
N ILE A 22 23.46 -30.79 -2.80
CA ILE A 22 23.42 -30.81 -1.34
C ILE A 22 22.44 -29.74 -0.95
N GLU A 23 21.25 -30.14 -0.50
CA GLU A 23 20.21 -29.16 -0.22
C GLU A 23 20.37 -28.67 1.20
N LEU A 24 20.53 -27.35 1.36
CA LEU A 24 20.74 -26.79 2.69
C LEU A 24 19.43 -26.36 3.34
N GLY A 25 18.47 -25.89 2.55
CA GLY A 25 17.24 -25.41 3.13
C GLY A 25 16.20 -25.19 2.06
N ARG A 26 14.96 -25.11 2.50
CA ARG A 26 13.89 -24.79 1.59
C ARG A 26 12.82 -24.02 2.33
N GLY A 27 12.16 -23.13 1.61
CA GLY A 27 11.02 -22.40 2.11
C GLY A 27 9.98 -22.35 1.01
N ALA A 28 8.97 -21.50 1.16
CA ALA A 28 7.98 -21.36 0.11
C ALA A 28 8.61 -20.76 -1.16
N PHE A 29 9.55 -19.84 -0.99
CA PHE A 29 10.07 -19.07 -2.11
C PHE A 29 11.43 -19.54 -2.62
N LYS A 30 12.25 -20.19 -1.79
CA LYS A 30 13.60 -20.54 -2.21
C LYS A 30 13.95 -21.98 -1.86
N THR A 31 14.84 -22.55 -2.67
CA THR A 31 15.53 -23.80 -2.35
C THR A 31 17.02 -23.53 -2.44
N VAL A 32 17.76 -23.79 -1.37
CA VAL A 32 19.15 -23.37 -1.28
C VAL A 32 20.04 -24.59 -1.29
N TYR A 33 21.02 -24.60 -2.18
CA TYR A 33 21.99 -25.68 -2.24
C TYR A 33 23.37 -25.15 -1.85
N LYS A 34 24.23 -26.08 -1.45
CA LYS A 34 25.62 -25.73 -1.28
C LYS A 34 26.28 -25.55 -2.63
N GLY A 35 26.98 -24.42 -2.79
CA GLY A 35 27.76 -24.16 -3.97
C GLY A 35 29.20 -23.89 -3.59
N LEU A 36 30.00 -23.64 -4.60
CA LEU A 36 31.42 -23.35 -4.42
C LEU A 36 31.84 -22.22 -5.35
N ASP A 37 32.60 -21.27 -4.82
CA ASP A 37 33.29 -20.25 -5.62
C ASP A 37 34.57 -20.86 -6.14
N THR A 38 34.68 -21.06 -7.46
CA THR A 38 35.86 -21.71 -8.03
C THR A 38 37.12 -20.85 -8.03
N GLU A 39 37.02 -19.56 -7.72
CA GLU A 39 38.22 -18.74 -7.66
C GLU A 39 38.84 -18.74 -6.26
N THR A 40 38.00 -18.80 -5.22
CA THR A 40 38.43 -18.71 -3.83
C THR A 40 38.26 -20.00 -3.05
N TRP A 41 37.54 -20.97 -3.61
CA TRP A 41 37.20 -22.23 -2.94
C TRP A 41 36.41 -22.02 -1.65
N VAL A 42 35.72 -20.89 -1.55
CA VAL A 42 34.75 -20.63 -0.48
C VAL A 42 33.41 -21.27 -0.85
N GLU A 43 32.79 -21.97 0.11
CA GLU A 43 31.45 -22.48 -0.10
C GLU A 43 30.44 -21.35 -0.06
N VAL A 44 29.45 -21.40 -0.97
CA VAL A 44 28.43 -20.36 -1.07
C VAL A 44 27.06 -21.03 -1.03
N ALA A 45 26.03 -20.19 -0.95
CA ALA A 45 24.63 -20.59 -1.05
C ALA A 45 24.13 -20.37 -2.47
N TRP A 46 23.61 -21.42 -3.08
CA TRP A 46 23.12 -21.36 -4.46
C TRP A 46 21.60 -21.46 -4.33
N CYS A 47 20.91 -20.35 -4.52
CA CYS A 47 19.51 -20.24 -4.20
CA CYS A 47 19.50 -20.23 -4.20
C CYS A 47 18.70 -20.19 -5.50
N GLU A 48 17.79 -21.15 -5.65
CA GLU A 48 16.91 -21.22 -6.81
C GLU A 48 15.52 -20.70 -6.46
N LEU A 49 15.06 -19.74 -7.25
CA LEU A 49 13.72 -19.15 -7.15
C LEU A 49 12.90 -19.58 -8.36
N GLN A 50 11.62 -19.88 -8.13
CA GLN A 50 10.72 -20.25 -9.24
C GLN A 50 10.63 -19.15 -10.28
N LEU A 54 8.63 -12.11 -16.30
CA LEU A 54 9.04 -10.72 -16.02
C LEU A 54 9.43 -9.99 -17.31
N THR A 55 9.01 -8.72 -17.38
CA THR A 55 9.24 -7.91 -18.55
C THR A 55 10.68 -7.42 -18.62
N LYS A 56 11.05 -6.87 -19.78
CA LYS A 56 12.40 -6.34 -19.96
C LYS A 56 12.66 -5.15 -19.03
N ALA A 57 11.61 -4.44 -18.63
CA ALA A 57 11.77 -3.40 -17.63
C ALA A 57 12.14 -4.00 -16.28
N GLU A 58 11.35 -4.99 -15.83
CA GLU A 58 11.64 -5.67 -14.57
C GLU A 58 12.96 -6.43 -14.63
N GLN A 59 13.36 -6.91 -15.82
CA GLN A 59 14.65 -7.59 -15.95
C GLN A 59 15.80 -6.60 -15.83
N GLN A 60 15.65 -5.40 -16.38
CA GLN A 60 16.73 -4.42 -16.30
C GLN A 60 16.83 -3.83 -14.90
N ARG A 61 15.70 -3.52 -14.27
CA ARG A 61 15.74 -3.03 -12.90
C ARG A 61 16.36 -4.07 -11.97
N PHE A 62 16.13 -5.35 -12.25
CA PHE A 62 16.70 -6.42 -11.43
C PHE A 62 18.22 -6.45 -11.56
N LYS A 63 18.74 -6.39 -12.79
CA LYS A 63 20.17 -6.40 -12.98
C LYS A 63 20.82 -5.20 -12.29
N GLU A 64 20.18 -4.03 -12.37
CA GLU A 64 20.74 -2.87 -11.68
C GLU A 64 20.70 -3.07 -10.17
N GLU A 65 19.59 -3.61 -9.66
CA GLU A 65 19.52 -3.98 -8.24
C GLU A 65 20.68 -4.89 -7.85
N ALA A 66 20.91 -5.95 -8.64
CA ALA A 66 21.94 -6.91 -8.29
C ALA A 66 23.34 -6.29 -8.32
N GLU A 67 23.62 -5.41 -9.29
CA GLU A 67 24.93 -4.76 -9.35
C GLU A 67 25.17 -3.91 -8.10
N MET A 68 24.16 -3.21 -7.62
CA MET A 68 24.33 -2.46 -6.38
C MET A 68 24.54 -3.40 -5.20
N LEU A 69 23.74 -4.48 -5.12
CA LEU A 69 23.87 -5.43 -4.00
C LEU A 69 25.28 -5.99 -3.92
N LYS A 70 25.91 -6.25 -5.08
CA LYS A 70 27.28 -6.78 -5.09
C LYS A 70 28.26 -5.90 -4.33
N GLY A 71 28.01 -4.59 -4.28
CA GLY A 71 28.88 -3.69 -3.58
C GLY A 71 28.69 -3.65 -2.07
N LEU A 72 27.60 -4.23 -1.57
CA LEU A 72 27.27 -4.17 -0.15
C LEU A 72 28.05 -5.20 0.64
N GLN A 73 29.27 -4.84 1.06
CA GLN A 73 30.09 -5.71 1.89
C GLN A 73 30.14 -5.17 3.32
N HIS A 74 29.70 -6.01 4.28
CA HIS A 74 29.70 -5.64 5.70
C HIS A 74 29.56 -6.92 6.51
N PRO A 75 30.18 -7.00 7.70
CA PRO A 75 30.14 -8.26 8.46
C PRO A 75 28.75 -8.71 8.89
N ASN A 76 27.75 -7.82 8.92
CA ASN A 76 26.42 -8.22 9.37
C ASN A 76 25.39 -8.15 8.26
N ILE A 77 25.84 -8.23 7.01
CA ILE A 77 24.99 -8.34 5.84
C ILE A 77 25.40 -9.61 5.09
N VAL A 78 24.44 -10.50 4.82
CA VAL A 78 24.73 -11.66 3.96
C VAL A 78 25.22 -11.14 2.61
N ARG A 79 26.40 -11.56 2.22
CA ARG A 79 26.99 -11.02 1.01
C ARG A 79 26.29 -11.58 -0.22
N PHE A 80 26.05 -10.71 -1.20
CA PHE A 80 25.43 -11.12 -2.47
C PHE A 80 26.52 -11.19 -3.55
N TYR A 81 26.58 -12.31 -4.26
CA TYR A 81 27.61 -12.53 -5.28
C TYR A 81 27.10 -12.34 -6.71
N ASP A 82 25.98 -12.94 -7.08
CA ASP A 82 25.63 -12.97 -8.50
C ASP A 82 24.19 -13.45 -8.67
N SER A 83 23.64 -13.21 -9.85
CA SER A 83 22.31 -13.73 -10.19
C SER A 83 22.18 -13.85 -11.70
N TRP A 84 21.27 -14.72 -12.13
CA TRP A 84 20.98 -14.95 -13.53
C TRP A 84 19.71 -15.79 -13.63
N GLU A 85 19.18 -15.87 -14.85
CA GLU A 85 18.04 -16.72 -15.14
C GLU A 85 18.54 -17.99 -15.79
N SER A 86 18.12 -19.15 -15.27
CA SER A 86 18.50 -20.42 -15.84
C SER A 86 17.30 -21.07 -16.50
N ILE A 87 17.58 -21.83 -17.57
CA ILE A 87 16.53 -22.53 -18.30
C ILE A 87 17.06 -23.85 -18.84
N LYS A 92 13.57 -24.31 -15.60
CA LYS A 92 13.72 -22.86 -15.53
C LYS A 92 13.53 -22.36 -14.10
N CYS A 93 14.30 -21.33 -13.74
CA CYS A 93 14.33 -20.76 -12.40
C CYS A 93 15.29 -19.58 -12.41
N ILE A 94 15.25 -18.78 -11.34
CA ILE A 94 16.23 -17.72 -11.10
C ILE A 94 17.21 -18.21 -10.06
N VAL A 95 18.49 -17.89 -10.24
CA VAL A 95 19.55 -18.30 -9.31
C VAL A 95 20.19 -17.06 -8.72
N LEU A 96 20.30 -17.02 -7.39
CA LEU A 96 21.07 -16.01 -6.68
C LEU A 96 22.16 -16.72 -5.86
N VAL A 97 23.39 -16.24 -5.96
CA VAL A 97 24.49 -16.80 -5.19
C VAL A 97 24.81 -15.80 -4.08
N THR A 98 24.79 -16.28 -2.82
CA THR A 98 25.09 -15.44 -1.67
C THR A 98 26.10 -16.14 -0.75
N GLU A 99 26.55 -15.41 0.26
CA GLU A 99 27.27 -16.01 1.39
C GLU A 99 26.46 -17.13 2.02
N LEU A 100 27.13 -18.22 2.39
CA LEU A 100 26.47 -19.38 2.99
C LEU A 100 26.42 -19.18 4.50
N MET A 101 25.22 -19.23 5.08
CA MET A 101 25.03 -19.09 6.52
C MET A 101 24.67 -20.47 7.05
N THR A 102 25.57 -21.08 7.80
CA THR A 102 25.44 -22.52 8.03
C THR A 102 24.25 -22.90 8.90
N SER A 103 23.72 -22.00 9.76
CA SER A 103 22.68 -22.43 10.67
C SER A 103 21.30 -21.92 10.28
N GLY A 104 21.12 -21.47 9.03
CA GLY A 104 19.80 -20.99 8.67
C GLY A 104 19.45 -19.68 9.36
N THR A 105 18.15 -19.46 9.57
CA THR A 105 17.61 -18.22 10.11
C THR A 105 17.61 -18.24 11.62
N LEU A 106 17.52 -17.02 12.21
CA LEU A 106 17.38 -16.89 13.65
C LEU A 106 16.07 -17.51 14.15
N LYS A 107 15.02 -17.49 13.31
CA LYS A 107 13.76 -18.10 13.70
C LYS A 107 13.94 -19.58 13.99
N THR A 108 14.55 -20.31 13.06
CA THR A 108 14.78 -21.73 13.28
C THR A 108 15.76 -21.97 14.42
N TYR A 109 16.84 -21.20 14.46
CA TYR A 109 17.81 -21.32 15.55
C TYR A 109 17.15 -21.18 16.91
N LEU A 110 16.19 -20.24 17.06
CA LEU A 110 15.49 -20.06 18.32
C LEU A 110 14.57 -21.23 18.67
N LYS A 111 14.25 -22.11 17.72
CA LYS A 111 13.37 -23.24 18.04
C LYS A 111 14.09 -24.33 18.82
N ARG A 112 15.42 -24.31 18.82
CA ARG A 112 16.18 -25.27 19.59
C ARG A 112 16.28 -24.92 21.08
N PHE A 113 15.89 -23.70 21.47
CA PHE A 113 16.15 -23.19 22.81
C PHE A 113 14.86 -22.77 23.51
N LYS A 114 14.92 -22.81 24.84
CA LYS A 114 13.76 -22.56 25.69
C LYS A 114 13.64 -21.10 26.14
N VAL A 115 14.73 -20.53 26.68
CA VAL A 115 14.73 -19.19 27.25
C VAL A 115 15.98 -18.46 26.78
N MET A 116 15.80 -17.20 26.36
CA MET A 116 16.91 -16.34 25.92
C MET A 116 17.88 -16.03 27.06
N LYS A 117 19.25 -16.08 26.75
CA LYS A 117 20.32 -15.60 27.65
C LYS A 117 20.61 -14.13 27.36
N PRO A 118 20.74 -13.28 28.38
CA PRO A 118 21.00 -11.85 28.10
C PRO A 118 22.23 -11.59 27.25
N LYS A 119 23.34 -12.32 27.45
CA LYS A 119 24.51 -12.09 26.61
C LYS A 119 24.21 -12.35 25.13
N VAL A 120 23.38 -13.37 24.84
CA VAL A 120 23.08 -13.71 23.45
C VAL A 120 22.20 -12.64 22.83
N LEU A 121 21.15 -12.24 23.55
CA LEU A 121 20.26 -11.18 23.04
C LEU A 121 21.02 -9.90 22.72
N ARG A 122 21.85 -9.45 23.67
CA ARG A 122 22.77 -8.33 23.47
C ARG A 122 23.51 -8.49 22.16
N SER A 123 24.17 -9.63 22.02
CA SER A 123 25.14 -9.82 20.96
C SER A 123 24.45 -9.92 19.61
N TRP A 124 23.34 -10.66 19.53
CA TRP A 124 22.63 -10.78 18.27
C TRP A 124 22.02 -9.44 17.85
N CYS A 125 21.41 -8.72 18.81
CA CYS A 125 20.73 -7.46 18.48
C CYS A 125 21.73 -6.40 18.06
N ARG A 126 22.88 -6.31 18.74
CA ARG A 126 23.93 -5.41 18.32
C ARG A 126 24.36 -5.65 16.88
N GLN A 127 24.52 -6.92 16.49
CA GLN A 127 24.92 -7.21 15.12
C GLN A 127 23.84 -6.79 14.13
N ILE A 128 22.57 -7.05 14.47
CA ILE A 128 21.47 -6.64 13.59
C ILE A 128 21.46 -5.13 13.41
N LEU A 129 21.65 -4.37 14.51
CA LEU A 129 21.65 -2.92 14.41
C LEU A 129 22.78 -2.42 13.52
N LYS A 130 23.98 -2.99 13.65
CA LYS A 130 25.10 -2.57 12.83
C LYS A 130 24.83 -2.85 11.36
N GLY A 131 24.20 -3.98 11.06
CA GLY A 131 23.80 -4.24 9.69
C GLY A 131 22.79 -3.22 9.18
N LEU A 132 21.80 -2.89 9.99
CA LEU A 132 20.82 -1.90 9.55
C LEU A 132 21.49 -0.54 9.40
N GLN A 133 22.37 -0.19 10.33
CA GLN A 133 23.11 1.08 10.24
C GLN A 133 23.94 1.14 8.97
N PHE A 134 24.63 0.04 8.64
CA PHE A 134 25.35 -0.05 7.36
C PHE A 134 24.42 0.22 6.19
N LEU A 135 23.24 -0.40 6.18
CA LEU A 135 22.33 -0.19 5.04
C LEU A 135 21.82 1.25 5.00
N HIS A 136 21.45 1.79 6.16
CA HIS A 136 20.89 3.13 6.20
C HIS A 136 21.92 4.19 5.86
N THR A 137 23.22 3.86 5.92
CA THR A 137 24.25 4.84 5.61
C THR A 137 24.86 4.65 4.22
N ARG A 138 24.26 3.82 3.38
CA ARG A 138 24.72 3.78 1.99
C ARG A 138 24.33 5.07 1.28
N THR A 139 24.98 5.32 0.16
CA THR A 139 24.70 6.49 -0.66
C THR A 139 24.07 6.05 -1.98
N PRO A 140 22.74 6.15 -2.14
CA PRO A 140 21.65 6.55 -1.22
C PRO A 140 21.33 5.46 -0.18
N PRO A 141 20.62 5.83 0.89
CA PRO A 141 20.26 4.84 1.93
C PRO A 141 19.45 3.67 1.38
N ILE A 142 19.71 2.48 1.93
CA ILE A 142 18.93 1.27 1.64
C ILE A 142 18.07 0.94 2.86
N ILE A 143 16.76 0.87 2.66
CA ILE A 143 15.82 0.49 3.72
C ILE A 143 15.44 -0.97 3.48
N HIS A 144 15.63 -1.83 4.48
CA HIS A 144 15.36 -3.25 4.28
C HIS A 144 13.90 -3.50 3.94
N ARG A 145 12.98 -2.96 4.74
CA ARG A 145 11.54 -2.97 4.57
C ARG A 145 10.91 -4.33 4.90
N ASP A 146 11.70 -5.39 5.13
CA ASP A 146 11.11 -6.72 5.30
C ASP A 146 11.81 -7.50 6.43
N LEU A 147 12.34 -6.80 7.43
CA LEU A 147 13.17 -7.45 8.44
C LEU A 147 12.33 -8.32 9.36
N LYS A 148 12.76 -9.57 9.55
CA LYS A 148 12.08 -10.48 10.46
C LYS A 148 13.05 -11.57 10.85
N CYS A 149 12.71 -12.31 11.92
CA CYS A 149 13.61 -13.35 12.36
C CYS A 149 13.84 -14.42 11.30
N ASP A 150 12.93 -14.59 10.34
CA ASP A 150 13.08 -15.57 9.26
C ASP A 150 13.94 -15.07 8.08
N ASN A 151 14.47 -13.85 8.11
CA ASN A 151 15.48 -13.51 7.11
C ASN A 151 16.68 -12.84 7.77
N ILE A 152 16.88 -13.12 9.04
CA ILE A 152 18.12 -12.85 9.72
C ILE A 152 18.80 -14.18 9.96
N PHE A 153 20.08 -14.27 9.58
CA PHE A 153 20.76 -15.55 9.47
C PHE A 153 21.90 -15.61 10.47
N ILE A 154 22.29 -16.85 10.79
CA ILE A 154 23.32 -17.06 11.79
C ILE A 154 24.24 -18.19 11.35
N THR A 155 25.52 -18.02 11.60
CA THR A 155 26.49 -19.11 11.52
C THR A 155 26.75 -19.59 12.95
N GLY A 156 26.08 -20.68 13.31
CA GLY A 156 26.27 -21.34 14.59
C GLY A 156 27.67 -21.29 15.16
N PRO A 157 28.69 -21.77 14.41
CA PRO A 157 30.04 -21.91 14.98
C PRO A 157 30.80 -20.60 15.22
N THR A 158 30.30 -19.46 14.73
CA THR A 158 30.91 -18.19 15.08
C THR A 158 30.00 -17.27 15.88
N GLY A 159 28.70 -17.53 15.88
CA GLY A 159 27.77 -16.55 16.40
C GLY A 159 27.65 -15.29 15.56
N SER A 160 28.15 -15.29 14.33
CA SER A 160 27.93 -14.18 13.40
C SER A 160 26.48 -14.12 12.98
N VAL A 161 25.87 -12.95 13.11
CA VAL A 161 24.47 -12.74 12.74
C VAL A 161 24.42 -11.72 11.62
N LYS A 162 23.69 -12.05 10.55
CA LYS A 162 23.74 -11.26 9.32
C LYS A 162 22.35 -11.16 8.71
N ILE A 163 22.05 -9.97 8.20
CA ILE A 163 20.74 -9.71 7.61
C ILE A 163 20.76 -10.24 6.18
N GLY A 164 19.71 -10.99 5.81
CA GLY A 164 19.64 -11.54 4.47
C GLY A 164 18.37 -11.14 3.74
N ASP A 165 18.09 -11.84 2.63
CA ASP A 165 16.91 -11.61 1.79
C ASP A 165 16.76 -10.16 1.34
N LEU A 166 17.86 -9.42 1.29
CA LEU A 166 17.77 -8.03 0.88
C LEU A 166 17.38 -7.95 -0.61
N GLY A 167 16.35 -7.17 -0.91
CA GLY A 167 15.83 -7.05 -2.25
C GLY A 167 14.90 -8.17 -2.68
N LEU A 168 14.81 -9.25 -1.91
CA LEU A 168 13.98 -10.38 -2.31
C LEU A 168 12.52 -10.00 -2.42
N ALA A 169 12.01 -9.22 -1.45
CA ALA A 169 10.60 -8.88 -1.42
C ALA A 169 10.20 -8.10 -2.67
N THR A 170 10.97 -7.07 -3.01
CA THR A 170 10.76 -6.30 -4.23
C THR A 170 11.32 -7.00 -5.46
N LEU A 171 11.64 -8.30 -5.36
CA LEU A 171 11.84 -9.12 -6.56
C LEU A 171 10.66 -10.03 -6.81
N MET A 172 9.77 -10.21 -5.85
CA MET A 172 8.56 -11.00 -6.08
C MET A 172 7.38 -10.61 -5.18
N ILE A 181 -8.93 1.65 -2.07
CA ILE A 181 -7.95 2.66 -2.47
C ILE A 181 -8.49 3.51 -3.62
N GLY A 182 -8.56 2.93 -4.81
CA GLY A 182 -9.05 3.64 -5.97
C GLY A 182 -9.55 2.70 -7.06
N THR A 183 -9.60 3.23 -8.27
CA THR A 183 -10.04 2.47 -9.44
C THR A 183 -8.91 2.42 -10.46
N PRO A 184 -8.32 1.24 -10.70
CA PRO A 184 -7.02 1.17 -11.43
C PRO A 184 -6.93 2.01 -12.70
N GLU A 185 -7.97 2.05 -13.52
CA GLU A 185 -7.87 2.80 -14.77
C GLU A 185 -7.64 4.29 -14.53
N PHE A 186 -8.07 4.80 -13.38
CA PHE A 186 -8.07 6.23 -13.10
C PHE A 186 -6.99 6.64 -12.11
N MET A 187 -6.07 5.73 -11.78
CA MET A 187 -5.13 5.91 -10.67
C MET A 187 -3.79 6.43 -11.18
N ALA A 188 -3.39 7.60 -10.68
CA ALA A 188 -2.10 8.18 -11.04
C ALA A 188 -0.97 7.21 -10.69
N PRO A 189 0.10 7.17 -11.50
CA PRO A 189 1.14 6.16 -11.23
C PRO A 189 1.78 6.30 -9.87
N GLU A 190 2.03 7.53 -9.41
CA GLU A 190 2.72 7.73 -8.14
C GLU A 190 1.96 7.14 -6.95
N MET A 191 0.70 6.72 -7.14
CA MET A 191 -0.03 6.11 -6.04
C MET A 191 0.33 4.64 -5.84
N TYR A 192 1.12 4.07 -6.72
CA TYR A 192 1.63 2.71 -6.48
C TYR A 192 2.91 2.72 -5.68
N GLU A 193 3.71 3.78 -5.82
CA GLU A 193 5.00 3.83 -5.17
C GLU A 193 4.84 4.00 -3.68
N GLU A 194 5.65 3.26 -2.94
CA GLU A 194 5.70 3.31 -1.48
C GLU A 194 7.09 3.80 -1.09
N HIS A 195 7.16 4.89 -0.35
CA HIS A 195 8.42 5.30 0.24
C HIS A 195 8.38 5.09 1.75
N TYR A 196 9.38 4.38 2.25
CA TYR A 196 9.61 4.19 3.67
C TYR A 196 10.90 4.88 4.05
N ASP A 197 10.99 5.32 5.28
CA ASP A 197 12.28 5.76 5.74
C ASP A 197 12.84 4.75 6.73
N GLU A 198 13.93 5.12 7.37
CA GLU A 198 14.66 4.20 8.25
C GLU A 198 13.76 3.64 9.35
N SER A 199 12.74 4.39 9.79
CA SER A 199 11.96 4.02 10.97
C SER A 199 11.14 2.75 10.79
N VAL A 200 10.84 2.32 9.56
CA VAL A 200 10.15 1.04 9.43
C VAL A 200 11.10 -0.11 9.76
N ASP A 201 12.41 0.08 9.55
CA ASP A 201 13.38 -0.93 9.94
C ASP A 201 13.55 -0.95 11.46
N VAL A 202 13.45 0.21 12.10
CA VAL A 202 13.50 0.29 13.55
C VAL A 202 12.32 -0.43 14.18
N TYR A 203 11.12 -0.21 13.64
CA TYR A 203 9.95 -0.90 14.16
C TYR A 203 10.12 -2.41 14.04
N ALA A 204 10.51 -2.87 12.84
CA ALA A 204 10.73 -4.30 12.63
C ALA A 204 11.80 -4.84 13.58
N PHE A 205 12.90 -4.08 13.77
CA PHE A 205 13.91 -4.50 14.72
C PHE A 205 13.31 -4.69 16.11
N GLY A 206 12.49 -3.74 16.56
CA GLY A 206 11.83 -3.87 17.86
C GLY A 206 11.06 -5.17 18.01
N MET A 207 10.35 -5.58 16.95
CA MET A 207 9.57 -6.80 16.98
C MET A 207 10.45 -8.03 16.97
N CYS A 208 11.56 -7.98 16.22
CA CYS A 208 12.57 -9.04 16.29
C CYS A 208 13.11 -9.18 17.70
N MET A 209 13.47 -8.04 18.31
CA MET A 209 13.99 -8.08 19.67
C MET A 209 12.96 -8.67 20.62
N LEU A 210 11.69 -8.32 20.44
CA LEU A 210 10.63 -8.87 21.28
C LEU A 210 10.53 -10.37 21.10
N GLU A 211 10.60 -10.83 19.84
CA GLU A 211 10.50 -12.26 19.57
C GLU A 211 11.66 -13.02 20.20
N MET A 212 12.89 -12.52 20.02
CA MET A 212 14.05 -13.12 20.68
C MET A 212 13.90 -13.11 22.19
N ALA A 213 13.37 -12.03 22.76
CA ALA A 213 13.29 -11.92 24.21
C ALA A 213 12.20 -12.78 24.82
N THR A 214 11.22 -13.21 24.05
CA THR A 214 10.12 -13.97 24.62
C THR A 214 10.01 -15.36 24.04
N SER A 215 10.85 -15.72 23.07
CA SER A 215 10.79 -17.03 22.42
C SER A 215 9.40 -17.30 21.86
N GLU A 216 8.74 -16.22 21.46
CA GLU A 216 7.33 -16.25 21.14
C GLU A 216 7.10 -15.31 19.96
N TYR A 217 6.24 -15.72 19.06
CA TYR A 217 5.95 -14.90 17.89
C TYR A 217 5.02 -13.76 18.27
N PRO A 218 5.31 -12.51 17.88
CA PRO A 218 4.48 -11.39 18.33
C PRO A 218 3.11 -11.42 17.67
N TYR A 219 2.11 -10.97 18.43
CA TYR A 219 0.72 -10.97 17.98
C TYR A 219 0.24 -12.36 17.61
N SER A 220 0.84 -13.41 18.20
CA SER A 220 0.33 -14.76 17.98
C SER A 220 -1.11 -14.93 18.44
N GLU A 221 -1.60 -14.05 19.31
CA GLU A 221 -2.99 -14.14 19.74
C GLU A 221 -3.96 -13.72 18.63
N CYS A 222 -3.47 -13.11 17.56
CA CYS A 222 -4.29 -12.73 16.42
C CYS A 222 -4.34 -13.86 15.41
N GLN A 223 -5.47 -13.95 14.69
CA GLN A 223 -5.66 -15.01 13.71
C GLN A 223 -5.29 -14.57 12.28
N ASN A 224 -5.47 -13.29 11.95
CA ASN A 224 -5.28 -12.82 10.58
C ASN A 224 -4.59 -11.46 10.59
N ALA A 225 -4.14 -11.05 9.40
CA ALA A 225 -3.40 -9.80 9.26
C ALA A 225 -4.27 -8.59 9.64
N ALA A 226 -5.56 -8.65 9.36
CA ALA A 226 -6.46 -7.55 9.68
C ALA A 226 -6.55 -7.32 11.19
N GLN A 227 -6.60 -8.42 11.96
CA GLN A 227 -6.60 -8.29 13.42
C GLN A 227 -5.32 -7.62 13.90
N ILE A 228 -4.18 -8.03 13.36
CA ILE A 228 -2.94 -7.33 13.68
C ILE A 228 -3.05 -5.87 13.27
N TYR A 229 -3.55 -5.62 12.06
CA TYR A 229 -3.70 -4.25 11.59
C TYR A 229 -4.61 -3.44 12.52
N ARG A 230 -5.70 -4.05 13.02
CA ARG A 230 -6.57 -3.32 13.93
C ARG A 230 -5.85 -3.02 15.23
N LYS A 231 -5.10 -4.00 15.74
CA LYS A 231 -4.23 -3.78 16.89
C LYS A 231 -3.13 -2.77 16.57
N VAL A 232 -2.49 -2.92 15.42
CA VAL A 232 -1.30 -2.11 15.10
C VAL A 232 -1.65 -0.71 14.62
N THR A 233 -2.85 -0.47 14.09
CA THR A 233 -3.27 0.89 13.80
C THR A 233 -4.06 1.52 14.95
N SER A 234 -4.42 0.72 15.95
CA SER A 234 -4.88 1.25 17.23
C SER A 234 -3.75 1.47 18.21
N GLY A 235 -2.53 1.09 17.84
CA GLY A 235 -1.38 1.28 18.71
C GLY A 235 -1.52 0.57 20.04
N ILE A 236 -1.92 -0.71 20.03
CA ILE A 236 -1.90 -1.55 21.23
C ILE A 236 -0.92 -2.69 21.00
N LYS A 237 -0.03 -2.90 21.96
CA LYS A 237 1.10 -3.78 21.81
C LYS A 237 0.69 -5.25 21.83
N PRO A 238 1.50 -6.14 21.25
CA PRO A 238 1.19 -7.56 21.30
C PRO A 238 1.26 -8.09 22.73
N ALA A 239 0.46 -9.12 23.00
CA ALA A 239 0.40 -9.66 24.35
C ALA A 239 1.77 -10.05 24.87
N SER A 240 2.68 -10.48 23.99
CA SER A 240 4.00 -10.92 24.44
C SER A 240 4.81 -9.78 25.05
N PHE A 241 4.55 -8.53 24.65
CA PHE A 241 5.28 -7.41 25.22
C PHE A 241 5.22 -7.42 26.74
N ASN A 242 4.05 -7.70 27.30
CA ASN A 242 3.94 -7.71 28.74
C ASN A 242 4.63 -8.91 29.37
N LYS A 243 4.82 -10.00 28.61
CA LYS A 243 5.56 -11.15 29.10
C LYS A 243 7.08 -10.93 29.09
N VAL A 244 7.54 -9.68 28.90
CA VAL A 244 8.96 -9.35 28.94
C VAL A 244 9.36 -9.10 30.39
N THR A 245 10.35 -9.85 30.88
CA THR A 245 10.74 -9.77 32.28
C THR A 245 11.55 -8.51 32.59
N ASP A 246 12.57 -8.24 31.80
CA ASP A 246 13.52 -7.17 32.10
C ASP A 246 12.94 -5.81 31.72
N PRO A 247 12.79 -4.87 32.67
CA PRO A 247 12.19 -3.57 32.32
C PRO A 247 12.98 -2.78 31.29
N GLU A 248 14.31 -2.86 31.30
CA GLU A 248 15.09 -2.11 30.34
C GLU A 248 14.91 -2.65 28.93
N VAL A 249 14.73 -3.97 28.81
CA VAL A 249 14.41 -4.57 27.52
C VAL A 249 13.04 -4.10 27.06
N LYS A 250 12.07 -4.08 27.98
CA LYS A 250 10.74 -3.58 27.66
C LYS A 250 10.80 -2.14 27.14
N GLU A 251 11.67 -1.32 27.73
CA GLU A 251 11.73 0.09 27.37
C GLU A 251 12.37 0.27 25.99
N ILE A 252 13.39 -0.50 25.68
CA ILE A 252 14.00 -0.42 24.36
C ILE A 252 13.00 -0.84 23.29
N ILE A 253 12.33 -1.97 23.50
CA ILE A 253 11.30 -2.45 22.58
C ILE A 253 10.21 -1.38 22.44
N GLU A 254 9.70 -0.87 23.56
CA GLU A 254 8.67 0.18 23.51
C GLU A 254 9.12 1.34 22.65
N GLY A 255 10.37 1.79 22.80
CA GLY A 255 10.84 2.91 22.00
C GLY A 255 10.98 2.63 20.52
N CYS A 256 11.06 1.34 20.13
CA CYS A 256 11.17 0.99 18.71
C CYS A 256 9.83 0.84 18.04
N ILE A 257 8.81 0.42 18.76
CA ILE A 257 7.54 0.08 18.13
C ILE A 257 6.48 1.16 18.39
N ARG A 258 6.89 2.35 18.83
CA ARG A 258 5.94 3.44 19.03
C ARG A 258 5.15 3.66 17.74
N GLN A 259 3.84 3.91 17.94
CA GLN A 259 2.92 4.03 16.82
C GLN A 259 3.33 5.17 15.88
N ASN A 260 3.67 6.33 16.43
CA ASN A 260 4.08 7.47 15.63
C ASN A 260 5.57 7.40 15.31
N LYS A 261 5.90 7.35 14.01
CA LYS A 261 7.26 7.08 13.58
C LYS A 261 8.26 8.13 14.04
N SER A 262 7.81 9.36 14.30
CA SER A 262 8.72 10.39 14.74
C SER A 262 9.12 10.24 16.19
N GLU A 263 8.34 9.49 16.97
CA GLU A 263 8.65 9.20 18.38
C GLU A 263 9.59 8.01 18.56
N ARG A 264 9.95 7.30 17.49
CA ARG A 264 10.74 6.08 17.62
C ARG A 264 12.21 6.38 17.81
N LEU A 265 12.87 5.56 18.63
CA LEU A 265 14.33 5.61 18.71
C LEU A 265 14.92 5.54 17.31
N SER A 266 16.11 6.12 17.17
CA SER A 266 16.87 5.96 15.94
C SER A 266 17.84 4.78 16.08
N ILE A 267 18.38 4.33 14.95
CA ILE A 267 19.40 3.29 15.01
C ILE A 267 20.62 3.77 15.80
N ARG A 268 21.04 5.03 15.59
CA ARG A 268 22.19 5.58 16.32
C ARG A 268 21.96 5.58 17.83
N ASP A 269 20.77 6.03 18.26
CA ASP A 269 20.37 5.93 19.67
C ASP A 269 20.51 4.52 20.19
N LEU A 270 20.00 3.54 19.43
CA LEU A 270 19.99 2.18 19.92
C LEU A 270 21.41 1.67 20.07
N LEU A 271 22.24 1.89 19.06
CA LEU A 271 23.62 1.43 19.10
C LEU A 271 24.45 2.14 20.17
N ASN A 272 24.08 3.35 20.56
CA ASN A 272 24.77 4.03 21.65
C ASN A 272 24.24 3.64 23.03
N HIS A 273 23.19 2.82 23.07
CA HIS A 273 22.58 2.44 24.34
C HIS A 273 23.49 1.49 25.10
N ALA A 274 23.71 1.78 26.39
CA ALA A 274 24.53 0.92 27.24
C ALA A 274 24.05 -0.53 27.22
N PHE A 275 22.75 -0.75 27.02
CA PHE A 275 22.26 -2.13 26.97
C PHE A 275 23.04 -2.97 25.96
N PHE A 276 23.45 -2.38 24.84
CA PHE A 276 24.07 -3.15 23.78
C PHE A 276 25.59 -3.16 23.84
N ALA A 277 26.20 -2.36 24.72
CA ALA A 277 27.65 -2.34 24.82
C ALA A 277 28.19 -3.74 25.10
N GLU A 278 29.37 -4.05 24.59
CA GLU A 278 29.86 -5.40 24.84
C GLU A 278 30.46 -5.49 26.23
N ASP A 279 30.42 -6.71 26.78
CA ASP A 279 30.93 -6.98 28.12
C ASP A 279 32.44 -7.15 28.02
N THR A 280 33.08 -7.56 29.12
CA THR A 280 34.53 -7.79 29.10
C THR A 280 34.87 -9.28 29.01
N GLY A 281 33.99 -10.07 28.41
CA GLY A 281 34.23 -11.49 28.23
C GLY A 281 33.74 -12.32 29.42
N LEU A 282 33.74 -13.63 29.22
CA LEU A 282 33.33 -14.57 30.24
C LEU A 282 34.53 -14.96 31.10
N ARG A 283 34.37 -14.87 32.42
CA ARG A 283 35.47 -15.27 33.30
C ARG A 283 35.77 -16.75 33.13
N VAL A 284 37.06 -17.09 33.15
CA VAL A 284 37.46 -18.49 33.08
C VAL A 284 37.08 -19.17 34.38
N GLU A 285 36.55 -20.39 34.26
CA GLU A 285 36.15 -21.18 35.42
C GLU A 285 36.71 -22.60 35.34
N MET B 6 -48.51 8.73 -1.62
CA MET B 6 -47.13 8.65 -1.15
C MET B 6 -47.04 8.24 0.30
N LYS B 7 -47.01 6.94 0.54
CA LYS B 7 -46.94 6.40 1.89
C LYS B 7 -45.48 6.15 2.27
N ALA B 8 -44.98 6.86 3.25
CA ALA B 8 -43.63 6.59 3.71
C ALA B 8 -43.55 5.17 4.27
N VAL B 9 -42.47 4.46 3.94
CA VAL B 9 -42.20 3.14 4.49
C VAL B 9 -41.12 3.16 5.56
N ALA B 10 -40.40 4.26 5.71
CA ALA B 10 -39.41 4.36 6.79
C ALA B 10 -39.12 5.83 7.02
N THR B 11 -38.58 6.14 8.19
CA THR B 11 -38.11 7.50 8.48
C THR B 11 -36.73 7.45 9.11
N SER B 12 -36.03 8.57 9.02
CA SER B 12 -34.79 8.73 9.75
C SER B 12 -35.09 8.67 11.25
N PRO B 13 -34.09 8.41 12.08
CA PRO B 13 -34.31 8.43 13.53
C PRO B 13 -35.08 9.66 14.00
N SER B 14 -34.65 10.84 13.58
CA SER B 14 -35.29 12.09 13.97
C SER B 14 -36.68 12.28 13.35
N GLY B 15 -37.02 11.55 12.30
CA GLY B 15 -38.26 11.82 11.62
C GLY B 15 -38.17 12.88 10.55
N ARG B 16 -37.03 13.54 10.39
CA ARG B 16 -36.90 14.56 9.36
C ARG B 16 -36.99 13.98 7.94
N PHE B 17 -36.36 12.83 7.66
CA PHE B 17 -36.34 12.31 6.31
C PHE B 17 -37.25 11.09 6.20
N LEU B 18 -38.04 11.05 5.13
CA LEU B 18 -38.97 9.97 4.84
C LEU B 18 -38.43 9.13 3.69
N LYS B 19 -38.63 7.82 3.74
CA LYS B 19 -38.32 6.92 2.63
C LYS B 19 -39.61 6.43 1.98
N PHE B 20 -39.70 6.53 0.66
CA PHE B 20 -40.81 5.94 -0.09
C PHE B 20 -40.33 4.69 -0.83
N ASP B 21 -41.25 3.75 -1.03
CA ASP B 21 -40.88 2.47 -1.64
C ASP B 21 -40.77 2.63 -3.16
N ILE B 22 -39.84 3.50 -3.57
CA ILE B 22 -39.64 3.86 -4.96
C ILE B 22 -38.13 3.78 -5.19
N GLU B 23 -37.70 2.74 -5.87
CA GLU B 23 -36.28 2.56 -6.13
C GLU B 23 -35.89 3.39 -7.32
N LEU B 24 -34.94 4.29 -7.12
CA LEU B 24 -34.48 5.13 -8.22
C LEU B 24 -33.33 4.49 -8.99
N GLY B 25 -32.43 3.80 -8.30
CA GLY B 25 -31.28 3.20 -8.94
C GLY B 25 -30.57 2.29 -7.96
N ARG B 26 -29.71 1.44 -8.50
CA ARG B 26 -28.88 0.62 -7.64
C ARG B 26 -27.60 0.27 -8.38
N GLY B 27 -26.54 0.05 -7.61
CA GLY B 27 -25.25 -0.29 -8.15
C GLY B 27 -24.14 0.02 -7.18
N ALA B 28 -23.00 -0.65 -7.35
CA ALA B 28 -21.82 -0.41 -6.54
C ALA B 28 -22.16 -0.46 -5.05
N PHE B 29 -22.92 -1.48 -4.65
CA PHE B 29 -23.28 -1.73 -3.26
C PHE B 29 -24.22 -0.68 -2.68
N LYS B 30 -24.84 0.15 -3.51
CA LYS B 30 -25.83 1.13 -3.09
C LYS B 30 -27.18 0.77 -3.68
N THR B 31 -28.24 0.93 -2.88
CA THR B 31 -29.60 0.99 -3.41
C THR B 31 -30.16 2.35 -3.03
N VAL B 32 -30.64 3.12 -3.99
CA VAL B 32 -31.11 4.49 -3.77
C VAL B 32 -32.62 4.51 -4.01
N TYR B 33 -33.34 4.98 -2.99
CA TYR B 33 -34.78 5.18 -2.99
C TYR B 33 -35.12 6.68 -3.02
N LYS B 34 -36.33 6.99 -3.44
CA LYS B 34 -36.83 8.36 -3.34
C LYS B 34 -37.21 8.66 -1.89
N GLY B 35 -36.79 9.82 -1.40
CA GLY B 35 -37.11 10.25 -0.05
C GLY B 35 -37.58 11.70 -0.05
N LEU B 36 -37.86 12.21 1.16
CA LEU B 36 -38.32 13.58 1.31
C LEU B 36 -37.71 14.21 2.58
N ASP B 37 -37.26 15.45 2.47
CA ASP B 37 -36.96 16.27 3.65
C ASP B 37 -38.27 16.92 4.10
N THR B 38 -38.78 16.51 5.26
CA THR B 38 -40.02 17.09 5.76
C THR B 38 -39.90 18.55 6.18
N GLU B 39 -38.69 19.08 6.34
CA GLU B 39 -38.53 20.48 6.73
C GLU B 39 -38.70 21.42 5.55
N THR B 40 -38.33 20.96 4.35
CA THR B 40 -38.31 21.77 3.16
C THR B 40 -39.19 21.24 2.04
N TRP B 41 -39.70 20.02 2.17
CA TRP B 41 -40.44 19.32 1.11
C TRP B 41 -39.60 19.13 -0.15
N VAL B 42 -38.28 19.08 0.00
CA VAL B 42 -37.37 18.80 -1.11
C VAL B 42 -37.22 17.29 -1.20
N GLU B 43 -37.34 16.75 -2.41
CA GLU B 43 -37.09 15.32 -2.61
C GLU B 43 -35.61 15.05 -2.54
N VAL B 44 -35.25 13.97 -1.85
CA VAL B 44 -33.86 13.63 -1.59
C VAL B 44 -33.61 12.17 -1.95
N ALA B 45 -32.33 11.81 -1.98
CA ALA B 45 -31.87 10.47 -2.29
C ALA B 45 -31.64 9.76 -0.97
N TRP B 46 -32.33 8.65 -0.77
CA TRP B 46 -32.22 7.83 0.43
C TRP B 46 -31.42 6.60 0.02
N CYS B 47 -30.14 6.58 0.40
CA CYS B 47 -29.21 5.57 -0.07
CA CYS B 47 -29.20 5.57 -0.06
C CYS B 47 -28.95 4.56 1.04
N GLU B 48 -29.13 3.27 0.73
CA GLU B 48 -28.87 2.20 1.69
C GLU B 48 -27.62 1.43 1.28
N LEU B 49 -26.67 1.28 2.20
CA LEU B 49 -25.52 0.38 1.99
C LEU B 49 -25.63 -0.77 2.98
N GLN B 50 -25.75 -2.00 2.47
CA GLN B 50 -26.02 -3.12 3.38
C GLN B 50 -24.72 -3.66 3.95
N ASP B 51 -24.83 -4.21 5.16
CA ASP B 51 -23.80 -4.97 5.86
C ASP B 51 -22.43 -4.29 5.86
N THR B 55 -14.95 -2.51 13.76
CA THR B 55 -15.23 -1.28 13.03
C THR B 55 -15.49 -0.11 13.98
N LYS B 56 -14.98 -0.21 15.21
CA LYS B 56 -15.13 0.89 16.16
C LYS B 56 -14.39 2.13 15.67
N ALA B 57 -13.17 1.95 15.16
CA ALA B 57 -12.42 3.08 14.60
C ALA B 57 -13.04 3.55 13.29
N GLU B 58 -13.58 2.62 12.49
CA GLU B 58 -14.23 3.01 11.24
C GLU B 58 -15.43 3.91 11.51
N GLN B 59 -16.22 3.57 12.54
CA GLN B 59 -17.40 4.37 12.86
C GLN B 59 -17.04 5.80 13.27
N GLN B 60 -16.00 5.95 14.08
CA GLN B 60 -15.65 7.28 14.57
C GLN B 60 -15.00 8.13 13.48
N ARG B 61 -14.12 7.52 12.68
CA ARG B 61 -13.60 8.24 11.52
C ARG B 61 -14.74 8.74 10.63
N PHE B 62 -15.63 7.83 10.22
CA PHE B 62 -16.69 8.19 9.30
C PHE B 62 -17.59 9.28 9.89
N LYS B 63 -17.94 9.16 11.17
CA LYS B 63 -18.76 10.18 11.82
C LYS B 63 -18.15 11.57 11.66
N GLU B 64 -16.84 11.69 11.91
CA GLU B 64 -16.20 12.98 11.78
C GLU B 64 -16.14 13.44 10.32
N GLU B 65 -15.86 12.51 9.40
CA GLU B 65 -15.91 12.86 7.98
C GLU B 65 -17.31 13.33 7.60
N ALA B 66 -18.32 12.59 8.04
CA ALA B 66 -19.70 12.93 7.71
C ALA B 66 -20.07 14.31 8.20
N GLU B 67 -19.69 14.65 9.44
CA GLU B 67 -20.03 15.97 9.97
C GLU B 67 -19.40 17.06 9.14
N MET B 68 -18.22 16.80 8.59
CA MET B 68 -17.59 17.76 7.70
C MET B 68 -18.32 17.86 6.37
N LEU B 69 -18.76 16.73 5.81
CA LEU B 69 -19.49 16.79 4.53
C LEU B 69 -20.73 17.65 4.64
N LYS B 70 -21.40 17.64 5.80
CA LYS B 70 -22.65 18.38 5.96
C LYS B 70 -22.48 19.88 5.72
N GLY B 71 -21.26 20.40 5.87
CA GLY B 71 -21.08 21.82 5.68
C GLY B 71 -20.78 22.22 4.24
N LEU B 72 -20.35 21.26 3.42
CA LEU B 72 -19.97 21.55 2.04
C LEU B 72 -21.18 21.91 1.20
N GLN B 73 -21.26 23.16 0.78
CA GLN B 73 -22.33 23.66 -0.07
C GLN B 73 -21.69 24.28 -1.32
N HIS B 74 -21.64 23.51 -2.42
CA HIS B 74 -21.18 24.04 -3.69
C HIS B 74 -22.07 23.54 -4.81
N PRO B 75 -22.33 24.37 -5.82
CA PRO B 75 -23.23 23.95 -6.91
C PRO B 75 -22.76 22.70 -7.67
N ASN B 76 -21.50 22.28 -7.54
CA ASN B 76 -20.98 21.13 -8.28
C ASN B 76 -20.51 20.02 -7.36
N ILE B 77 -21.09 19.95 -6.16
CA ILE B 77 -20.85 18.88 -5.20
C ILE B 77 -22.21 18.39 -4.72
N VAL B 78 -22.44 17.09 -4.82
CA VAL B 78 -23.71 16.51 -4.38
C VAL B 78 -23.86 16.80 -2.88
N ARG B 79 -24.96 17.46 -2.49
CA ARG B 79 -25.12 17.79 -1.09
C ARG B 79 -25.32 16.54 -0.24
N PHE B 80 -24.65 16.51 0.92
CA PHE B 80 -24.75 15.45 1.91
C PHE B 80 -25.61 15.95 3.07
N TYR B 81 -26.71 15.25 3.38
CA TYR B 81 -27.56 15.70 4.47
C TYR B 81 -27.24 14.99 5.80
N ASP B 82 -27.20 13.66 5.80
CA ASP B 82 -27.03 12.93 7.06
C ASP B 82 -26.88 11.45 6.77
N SER B 83 -26.45 10.71 7.79
CA SER B 83 -26.30 9.27 7.73
C SER B 83 -26.54 8.68 9.12
N TRP B 84 -26.91 7.41 9.14
CA TRP B 84 -27.13 6.69 10.39
C TRP B 84 -27.17 5.20 10.10
N GLU B 85 -27.01 4.41 11.17
CA GLU B 85 -27.08 2.95 11.09
C GLU B 85 -28.49 2.48 11.41
N SER B 86 -28.89 1.36 10.81
CA SER B 86 -30.26 0.93 10.96
C SER B 86 -30.39 -0.56 10.63
N ILE B 87 -31.56 -1.10 10.98
CA ILE B 87 -32.04 -2.41 10.53
C ILE B 87 -33.31 -2.13 9.73
N LEU B 88 -33.24 -2.29 8.42
CA LEU B 88 -34.40 -2.13 7.54
C LEU B 88 -34.79 -3.51 7.02
N LYS B 89 -36.05 -3.88 7.24
CA LYS B 89 -36.60 -5.16 6.77
C LYS B 89 -35.68 -6.32 7.15
N GLY B 90 -35.23 -6.31 8.41
CA GLY B 90 -34.38 -7.36 8.93
C GLY B 90 -32.95 -7.35 8.45
N LYS B 91 -32.54 -6.34 7.69
CA LYS B 91 -31.17 -6.21 7.19
C LYS B 91 -30.49 -5.00 7.86
N LYS B 92 -29.21 -5.17 8.23
CA LYS B 92 -28.42 -4.12 8.85
C LYS B 92 -27.77 -3.25 7.78
N CYS B 93 -27.92 -1.93 7.88
CA CYS B 93 -27.31 -1.11 6.85
C CYS B 93 -27.03 0.30 7.34
N ILE B 94 -26.21 1.00 6.56
CA ILE B 94 -25.99 2.42 6.68
C ILE B 94 -26.94 3.11 5.72
N VAL B 95 -27.64 4.14 6.19
CA VAL B 95 -28.45 4.99 5.33
C VAL B 95 -27.74 6.34 5.22
N LEU B 96 -27.60 6.82 4.00
CA LEU B 96 -27.05 8.15 3.73
C LEU B 96 -28.09 8.95 2.95
N VAL B 97 -28.38 10.16 3.41
CA VAL B 97 -29.31 11.02 2.72
C VAL B 97 -28.50 12.09 1.98
N THR B 98 -28.72 12.19 0.67
CA THR B 98 -28.01 13.17 -0.14
C THR B 98 -28.99 13.86 -1.08
N GLU B 99 -28.50 14.89 -1.75
CA GLU B 99 -29.23 15.52 -2.83
C GLU B 99 -29.59 14.47 -3.91
N LEU B 100 -30.78 14.61 -4.49
CA LEU B 100 -31.26 13.63 -5.47
C LEU B 100 -30.83 14.11 -6.85
N MET B 101 -30.01 13.32 -7.54
CA MET B 101 -29.53 13.66 -8.88
C MET B 101 -30.37 12.82 -9.86
N THR B 102 -31.35 13.46 -10.53
CA THR B 102 -32.45 12.71 -11.14
C THR B 102 -32.02 11.81 -12.29
N SER B 103 -30.91 12.09 -12.97
CA SER B 103 -30.46 11.28 -14.09
C SER B 103 -29.40 10.25 -13.72
N GLY B 104 -29.01 10.16 -12.45
CA GLY B 104 -27.99 9.19 -12.07
C GLY B 104 -26.59 9.67 -12.42
N THR B 105 -25.73 8.72 -12.78
CA THR B 105 -24.33 9.05 -12.98
C THR B 105 -24.08 9.52 -14.42
N LEU B 106 -22.99 10.26 -14.60
CA LEU B 106 -22.57 10.64 -15.95
C LEU B 106 -22.37 9.42 -16.82
N LYS B 107 -21.77 8.36 -16.26
CA LYS B 107 -21.61 7.11 -17.00
C LYS B 107 -22.94 6.60 -17.53
N THR B 108 -23.98 6.57 -16.69
CA THR B 108 -25.30 6.14 -17.13
C THR B 108 -25.84 7.07 -18.21
N TYR B 109 -25.79 8.39 -17.97
CA TYR B 109 -26.33 9.36 -18.92
C TYR B 109 -25.66 9.23 -20.29
N LEU B 110 -24.33 9.11 -20.30
CA LEU B 110 -23.56 8.99 -21.54
C LEU B 110 -24.04 7.85 -22.42
N LYS B 111 -24.55 6.77 -21.83
CA LYS B 111 -25.04 5.63 -22.59
C LYS B 111 -26.16 6.01 -23.55
N ARG B 112 -26.79 7.16 -23.35
CA ARG B 112 -27.94 7.57 -24.14
C ARG B 112 -27.54 8.38 -25.38
N PHE B 113 -26.26 8.38 -25.74
CA PHE B 113 -25.79 9.22 -26.84
C PHE B 113 -24.65 8.51 -27.55
N LYS B 114 -24.62 8.65 -28.88
CA LYS B 114 -23.64 7.93 -29.67
C LYS B 114 -22.32 8.68 -29.82
N VAL B 115 -22.35 9.99 -29.94
CA VAL B 115 -21.14 10.79 -30.12
C VAL B 115 -21.19 12.01 -29.21
N MET B 116 -20.05 12.27 -28.56
CA MET B 116 -19.90 13.39 -27.62
C MET B 116 -20.01 14.72 -28.33
N LYS B 117 -20.85 15.63 -27.81
CA LYS B 117 -20.82 16.95 -28.43
C LYS B 117 -19.78 17.82 -27.73
N PRO B 118 -18.97 18.57 -28.50
CA PRO B 118 -17.92 19.40 -27.88
C PRO B 118 -18.42 20.38 -26.83
N LYS B 119 -19.58 21.03 -27.06
CA LYS B 119 -20.05 22.05 -26.12
C LYS B 119 -20.59 21.42 -24.85
N VAL B 120 -21.16 20.22 -24.93
CA VAL B 120 -21.56 19.50 -23.72
C VAL B 120 -20.34 19.08 -22.90
N LEU B 121 -19.37 18.42 -23.55
CA LEU B 121 -18.13 18.04 -22.88
C LEU B 121 -17.50 19.25 -22.18
N ARG B 122 -17.44 20.39 -22.86
CA ARG B 122 -16.93 21.60 -22.24
C ARG B 122 -17.72 21.95 -20.99
N SER B 123 -19.06 21.89 -21.07
CA SER B 123 -19.88 22.29 -19.93
C SER B 123 -19.68 21.34 -18.75
N TRP B 124 -19.68 20.04 -19.02
CA TRP B 124 -19.58 19.05 -17.96
C TRP B 124 -18.23 19.14 -17.24
N CYS B 125 -17.14 19.27 -18.01
CA CYS B 125 -15.81 19.27 -17.39
C CYS B 125 -15.53 20.55 -16.63
N ARG B 126 -16.02 21.69 -17.12
CA ARG B 126 -15.89 22.91 -16.35
C ARG B 126 -16.61 22.80 -15.01
N GLN B 127 -17.79 22.19 -15.01
CA GLN B 127 -18.48 22.02 -13.75
C GLN B 127 -17.70 21.10 -12.81
N ILE B 128 -17.13 20.02 -13.34
CA ILE B 128 -16.32 19.14 -12.50
C ILE B 128 -15.12 19.90 -11.95
N LEU B 129 -14.41 20.65 -12.82
CA LEU B 129 -13.27 21.42 -12.36
C LEU B 129 -13.62 22.35 -11.22
N LYS B 130 -14.75 23.06 -11.36
CA LYS B 130 -15.15 23.97 -10.28
C LYS B 130 -15.46 23.20 -9.00
N GLY B 131 -16.00 21.98 -9.11
CA GLY B 131 -16.16 21.16 -7.92
C GLY B 131 -14.83 20.71 -7.32
N LEU B 132 -13.92 20.21 -8.16
CA LEU B 132 -12.59 19.86 -7.67
C LEU B 132 -11.93 21.04 -6.98
N GLN B 133 -12.00 22.23 -7.60
CA GLN B 133 -11.43 23.42 -7.01
C GLN B 133 -12.00 23.71 -5.63
N PHE B 134 -13.33 23.67 -5.50
CA PHE B 134 -13.95 23.93 -4.21
C PHE B 134 -13.48 22.94 -3.15
N LEU B 135 -13.39 21.66 -3.51
CA LEU B 135 -12.93 20.65 -2.58
C LEU B 135 -11.48 20.91 -2.16
N HIS B 136 -10.59 21.09 -3.14
CA HIS B 136 -9.16 21.23 -2.85
C HIS B 136 -8.84 22.48 -2.05
N THR B 137 -9.79 23.38 -1.87
CA THR B 137 -9.57 24.64 -1.17
C THR B 137 -10.35 24.73 0.14
N ARG B 138 -10.78 23.59 0.68
CA ARG B 138 -11.39 23.57 2.00
C ARG B 138 -10.30 23.66 3.08
N THR B 139 -10.74 23.85 4.33
CA THR B 139 -9.84 23.84 5.48
C THR B 139 -10.14 22.63 6.36
N PRO B 140 -9.41 21.52 6.23
CA PRO B 140 -8.31 21.27 5.30
C PRO B 140 -8.81 20.92 3.92
N PRO B 141 -7.93 20.91 2.93
CA PRO B 141 -8.35 20.51 1.58
C PRO B 141 -8.88 19.08 1.54
N ILE B 142 -9.88 18.85 0.69
CA ILE B 142 -10.46 17.53 0.47
C ILE B 142 -10.00 17.00 -0.88
N ILE B 143 -9.46 15.79 -0.86
CA ILE B 143 -9.01 15.10 -2.06
C ILE B 143 -9.97 13.95 -2.33
N HIS B 144 -10.60 13.95 -3.50
CA HIS B 144 -11.67 12.98 -3.77
C HIS B 144 -11.13 11.56 -3.80
N ARG B 145 -10.03 11.34 -4.49
CA ARG B 145 -9.26 10.10 -4.55
C ARG B 145 -9.96 8.98 -5.30
N ASP B 146 -11.18 9.19 -5.83
CA ASP B 146 -11.80 8.16 -6.66
C ASP B 146 -12.67 8.79 -7.74
N LEU B 147 -12.21 9.90 -8.32
CA LEU B 147 -12.97 10.59 -9.35
C LEU B 147 -13.13 9.73 -10.59
N LYS B 148 -14.36 9.61 -11.07
CA LYS B 148 -14.68 8.88 -12.29
C LYS B 148 -16.15 9.12 -12.62
N CYS B 149 -16.51 8.78 -13.87
CA CYS B 149 -17.85 9.08 -14.37
C CYS B 149 -18.93 8.32 -13.62
N ASP B 150 -18.56 7.22 -12.96
CA ASP B 150 -19.49 6.50 -12.09
C ASP B 150 -19.74 7.24 -10.79
N ASN B 151 -18.87 8.17 -10.42
CA ASN B 151 -18.99 8.94 -9.19
C ASN B 151 -19.35 10.39 -9.46
N ILE B 152 -19.70 10.73 -10.70
CA ILE B 152 -20.13 12.06 -11.07
C ILE B 152 -21.59 11.96 -11.53
N PHE B 153 -22.41 12.94 -11.15
CA PHE B 153 -23.86 12.82 -11.29
C PHE B 153 -24.42 13.99 -12.06
N ILE B 154 -25.61 13.81 -12.60
CA ILE B 154 -26.21 14.84 -13.44
C ILE B 154 -27.72 14.88 -13.19
N THR B 155 -28.26 16.08 -13.23
CA THR B 155 -29.69 16.35 -13.25
C THR B 155 -30.03 16.75 -14.68
N GLY B 156 -30.60 15.80 -15.43
CA GLY B 156 -30.92 16.00 -16.83
C GLY B 156 -31.59 17.31 -17.19
N PRO B 157 -32.66 17.68 -16.48
CA PRO B 157 -33.43 18.89 -16.85
C PRO B 157 -32.71 20.20 -16.60
N THR B 158 -31.54 20.19 -15.95
CA THR B 158 -30.77 21.42 -15.79
C THR B 158 -29.38 21.36 -16.40
N GLY B 159 -28.87 20.19 -16.73
CA GLY B 159 -27.49 20.15 -17.10
C GLY B 159 -26.52 20.35 -15.94
N SER B 160 -27.00 20.30 -14.69
CA SER B 160 -26.10 20.50 -13.56
C SER B 160 -25.33 19.22 -13.30
N VAL B 161 -24.02 19.33 -13.27
CA VAL B 161 -23.11 18.21 -13.05
C VAL B 161 -22.47 18.38 -11.67
N LYS B 162 -22.46 17.31 -10.87
CA LYS B 162 -21.98 17.44 -9.50
C LYS B 162 -21.20 16.20 -9.10
N ILE B 163 -20.13 16.43 -8.37
CA ILE B 163 -19.28 15.32 -7.94
C ILE B 163 -19.92 14.68 -6.72
N GLY B 164 -19.95 13.35 -6.70
CA GLY B 164 -20.63 12.68 -5.60
C GLY B 164 -19.82 11.55 -5.00
N ASP B 165 -20.49 10.71 -4.21
CA ASP B 165 -19.84 9.57 -3.55
C ASP B 165 -18.62 10.01 -2.73
N LEU B 166 -18.66 11.24 -2.24
CA LEU B 166 -17.58 11.72 -1.40
C LEU B 166 -17.47 10.88 -0.13
N GLY B 167 -16.25 10.42 0.18
CA GLY B 167 -16.00 9.67 1.39
C GLY B 167 -16.52 8.24 1.38
N LEU B 168 -17.16 7.79 0.31
CA LEU B 168 -17.62 6.40 0.24
C LEU B 168 -16.47 5.41 0.31
N ALA B 169 -15.27 5.83 -0.10
CA ALA B 169 -14.11 4.93 -0.02
C ALA B 169 -13.93 4.39 1.38
N THR B 170 -14.18 5.20 2.40
CA THR B 170 -14.09 4.76 3.78
C THR B 170 -14.92 3.50 4.01
N LEU B 171 -16.23 3.60 3.77
CA LEU B 171 -17.15 2.52 4.11
C LEU B 171 -16.99 1.30 3.20
N MET B 172 -16.32 1.42 2.06
CA MET B 172 -16.19 0.28 1.18
C MET B 172 -14.74 -0.17 1.05
N THR B 183 5.30 -9.40 6.27
CA THR B 183 4.89 -10.20 7.43
C THR B 183 4.29 -9.27 8.47
N PRO B 184 2.96 -9.26 8.56
CA PRO B 184 2.27 -8.13 9.21
C PRO B 184 2.65 -7.95 10.66
N GLU B 185 3.12 -8.99 11.35
CA GLU B 185 3.53 -8.80 12.74
C GLU B 185 4.72 -7.86 12.84
N PHE B 186 5.57 -7.78 11.81
CA PHE B 186 6.75 -6.93 11.85
C PHE B 186 6.59 -5.61 11.08
N MET B 187 5.38 -5.31 10.58
CA MET B 187 5.18 -4.19 9.67
C MET B 187 4.63 -2.98 10.41
N ALA B 188 5.26 -1.83 10.19
CA ALA B 188 4.90 -0.63 10.92
C ALA B 188 3.53 -0.10 10.47
N PRO B 189 2.82 0.62 11.34
CA PRO B 189 1.48 1.09 10.96
C PRO B 189 1.47 2.00 9.74
N GLU B 190 2.50 2.85 9.61
CA GLU B 190 2.57 3.78 8.48
C GLU B 190 2.66 3.07 7.14
N MET B 191 3.10 1.81 7.11
CA MET B 191 3.15 1.07 5.85
C MET B 191 1.76 0.82 5.25
N TYR B 192 0.70 1.22 5.93
CA TYR B 192 -0.64 1.10 5.39
C TYR B 192 -1.25 2.42 4.96
N GLU B 193 -0.64 3.55 5.33
CA GLU B 193 -1.20 4.87 5.04
C GLU B 193 -0.97 5.23 3.57
N GLU B 194 -1.96 5.88 2.97
CA GLU B 194 -1.92 6.25 1.57
C GLU B 194 -1.45 7.69 1.42
N HIS B 195 -0.56 7.92 0.46
CA HIS B 195 0.04 9.23 0.22
C HIS B 195 -0.46 9.76 -1.12
N TYR B 196 -1.10 10.94 -1.11
CA TYR B 196 -1.60 11.54 -2.33
C TYR B 196 -1.87 13.02 -2.10
N ASP B 197 -2.20 13.70 -3.19
CA ASP B 197 -2.44 15.13 -3.18
C ASP B 197 -3.31 15.47 -4.38
N GLU B 198 -3.62 16.77 -4.53
CA GLU B 198 -4.47 17.24 -5.61
C GLU B 198 -4.12 16.64 -6.97
N SER B 199 -2.85 16.27 -7.19
CA SER B 199 -2.41 15.83 -8.50
C SER B 199 -2.97 14.48 -8.89
N VAL B 200 -3.43 13.67 -7.93
CA VAL B 200 -4.09 12.42 -8.33
C VAL B 200 -5.51 12.70 -8.82
N ASP B 201 -6.17 13.77 -8.35
CA ASP B 201 -7.50 14.09 -8.85
C ASP B 201 -7.43 14.73 -10.23
N VAL B 202 -6.40 15.56 -10.47
CA VAL B 202 -6.16 16.08 -11.81
C VAL B 202 -5.96 14.92 -12.79
N TYR B 203 -5.16 13.93 -12.39
CA TYR B 203 -4.97 12.75 -13.22
C TYR B 203 -6.29 12.06 -13.48
N ALA B 204 -7.05 11.79 -12.43
CA ALA B 204 -8.36 11.18 -12.59
C ALA B 204 -9.29 12.07 -13.43
N PHE B 205 -9.23 13.38 -13.21
CA PHE B 205 -10.01 14.30 -14.05
C PHE B 205 -9.68 14.10 -15.54
N GLY B 206 -8.38 13.98 -15.86
CA GLY B 206 -8.00 13.74 -17.25
C GLY B 206 -8.56 12.45 -17.82
N MET B 207 -8.59 11.38 -17.02
CA MET B 207 -9.19 10.15 -17.49
C MET B 207 -10.71 10.27 -17.63
N CYS B 208 -11.36 11.10 -16.81
CA CYS B 208 -12.79 11.32 -16.97
C CYS B 208 -13.10 11.92 -18.34
N MET B 209 -12.33 12.93 -18.74
CA MET B 209 -12.43 13.48 -20.09
C MET B 209 -12.37 12.40 -21.15
N LEU B 210 -11.31 11.58 -21.09
CA LEU B 210 -11.14 10.52 -22.07
C LEU B 210 -12.35 9.59 -22.06
N GLU B 211 -12.87 9.31 -20.87
CA GLU B 211 -14.07 8.47 -20.75
C GLU B 211 -15.26 9.09 -21.47
N MET B 212 -15.49 10.39 -21.25
CA MET B 212 -16.60 11.06 -21.93
C MET B 212 -16.36 11.14 -23.43
N ALA B 213 -15.13 11.44 -23.84
CA ALA B 213 -14.82 11.59 -25.26
C ALA B 213 -14.82 10.26 -26.01
N THR B 214 -14.80 9.11 -25.33
CA THR B 214 -14.66 7.81 -26.01
C THR B 214 -15.72 6.77 -25.68
N SER B 215 -16.57 6.98 -24.68
CA SER B 215 -17.64 6.05 -24.30
C SER B 215 -17.12 4.70 -23.82
N GLU B 216 -15.83 4.58 -23.51
CA GLU B 216 -15.26 3.35 -22.98
C GLU B 216 -14.40 3.68 -21.76
N TYR B 217 -14.29 2.71 -20.86
CA TYR B 217 -13.36 2.87 -19.74
C TYR B 217 -11.94 2.95 -20.31
N PRO B 218 -11.12 3.89 -19.86
CA PRO B 218 -9.71 3.88 -20.25
C PRO B 218 -9.05 2.55 -19.92
N TYR B 219 -8.20 2.07 -20.83
CA TYR B 219 -7.42 0.83 -20.68
C TYR B 219 -8.29 -0.42 -20.71
N SER B 220 -9.36 -0.38 -21.52
CA SER B 220 -10.21 -1.56 -21.66
C SER B 220 -9.46 -2.74 -22.25
N GLU B 221 -8.34 -2.49 -22.94
CA GLU B 221 -7.57 -3.57 -23.55
C GLU B 221 -7.02 -4.53 -22.51
N CYS B 222 -6.79 -4.04 -21.28
CA CYS B 222 -6.24 -4.87 -20.22
C CYS B 222 -7.35 -5.64 -19.52
N GLN B 223 -7.04 -6.87 -19.12
CA GLN B 223 -8.00 -7.71 -18.42
C GLN B 223 -7.81 -7.71 -16.91
N ASN B 224 -6.64 -7.29 -16.41
CA ASN B 224 -6.43 -7.18 -14.99
C ASN B 224 -5.57 -5.96 -14.68
N ALA B 225 -5.48 -5.65 -13.38
CA ALA B 225 -4.74 -4.47 -12.93
C ALA B 225 -3.27 -4.55 -13.30
N ALA B 226 -2.71 -5.75 -13.36
CA ALA B 226 -1.29 -5.89 -13.70
C ALA B 226 -1.02 -5.40 -15.11
N GLN B 227 -1.86 -5.80 -16.08
CA GLN B 227 -1.70 -5.30 -17.44
C GLN B 227 -1.83 -3.79 -17.50
N ILE B 228 -2.78 -3.22 -16.74
CA ILE B 228 -2.88 -1.77 -16.62
C ILE B 228 -1.66 -1.20 -15.93
N TYR B 229 -1.29 -1.79 -14.78
CA TYR B 229 -0.22 -1.23 -13.95
C TYR B 229 1.12 -1.21 -14.68
N ARG B 230 1.29 -2.02 -15.73
CA ARG B 230 2.53 -1.98 -16.49
C ARG B 230 2.60 -0.74 -17.36
N LYS B 231 1.52 -0.48 -18.11
CA LYS B 231 1.52 0.67 -19.02
C LYS B 231 1.62 1.98 -18.25
N VAL B 232 0.84 2.13 -17.18
CA VAL B 232 0.78 3.41 -16.48
C VAL B 232 2.10 3.70 -15.76
N THR B 233 2.71 2.67 -15.16
CA THR B 233 4.04 2.85 -14.60
C THR B 233 5.05 3.15 -15.70
N SER B 234 5.17 2.24 -16.66
CA SER B 234 6.14 2.37 -17.74
C SER B 234 5.66 3.29 -18.86
N LYS B 237 -0.17 5.09 -22.12
CA LYS B 237 -1.44 5.70 -22.49
C LYS B 237 -2.34 4.67 -23.19
N PRO B 238 -3.65 4.78 -23.00
CA PRO B 238 -4.57 3.76 -23.52
C PRO B 238 -4.92 3.95 -24.99
N ALA B 239 -5.37 2.84 -25.60
CA ALA B 239 -5.72 2.84 -27.02
C ALA B 239 -6.86 3.80 -27.31
N SER B 240 -7.74 4.05 -26.33
CA SER B 240 -8.84 4.99 -26.54
C SER B 240 -8.33 6.40 -26.74
N PHE B 241 -7.20 6.75 -26.11
CA PHE B 241 -6.60 8.07 -26.26
C PHE B 241 -6.30 8.38 -27.72
N ASN B 242 -5.87 7.35 -28.47
CA ASN B 242 -5.71 7.52 -29.91
C ASN B 242 -7.03 7.88 -30.56
N LYS B 243 -8.11 7.19 -30.17
CA LYS B 243 -9.42 7.42 -30.74
C LYS B 243 -10.02 8.77 -30.33
N VAL B 244 -9.30 9.61 -29.59
CA VAL B 244 -9.79 10.96 -29.26
C VAL B 244 -9.44 11.85 -30.44
N THR B 245 -10.46 12.27 -31.19
CA THR B 245 -10.23 12.87 -32.49
C THR B 245 -10.03 14.38 -32.39
N ASP B 246 -10.90 15.06 -31.65
CA ASP B 246 -10.80 16.49 -31.39
C ASP B 246 -9.45 16.81 -30.79
N PRO B 247 -8.58 17.52 -31.51
CA PRO B 247 -7.20 17.69 -31.05
C PRO B 247 -7.03 18.64 -29.86
N GLU B 248 -8.01 19.47 -29.53
CA GLU B 248 -7.87 20.30 -28.34
C GLU B 248 -8.20 19.50 -27.08
N VAL B 249 -9.18 18.59 -27.16
CA VAL B 249 -9.47 17.69 -26.05
C VAL B 249 -8.31 16.75 -25.80
N LYS B 250 -7.71 16.23 -26.88
CA LYS B 250 -6.62 15.26 -26.80
C LYS B 250 -5.40 15.80 -26.09
N GLU B 251 -5.27 17.12 -25.96
CA GLU B 251 -4.10 17.77 -25.41
C GLU B 251 -4.27 18.21 -23.96
N ILE B 252 -5.45 18.73 -23.61
CA ILE B 252 -5.78 18.95 -22.20
C ILE B 252 -5.65 17.65 -21.42
N ILE B 253 -6.15 16.56 -21.99
CA ILE B 253 -5.96 15.23 -21.41
C ILE B 253 -4.49 14.97 -21.14
N GLU B 254 -3.67 14.93 -22.21
CA GLU B 254 -2.24 14.66 -22.10
C GLU B 254 -1.59 15.40 -20.94
N GLY B 255 -1.89 16.69 -20.80
CA GLY B 255 -1.32 17.45 -19.70
C GLY B 255 -1.84 17.07 -18.34
N CYS B 256 -2.92 16.26 -18.28
CA CYS B 256 -3.51 15.77 -17.04
C CYS B 256 -3.00 14.38 -16.64
N ILE B 257 -2.69 13.54 -17.62
CA ILE B 257 -2.32 12.17 -17.32
C ILE B 257 -0.82 11.97 -17.57
N ARG B 258 -0.01 12.97 -17.21
CA ARG B 258 1.44 12.86 -17.26
C ARG B 258 1.97 12.21 -15.99
N GLN B 259 3.17 11.63 -16.08
CA GLN B 259 3.71 10.85 -14.97
C GLN B 259 4.21 11.75 -13.84
N ASN B 260 5.08 12.70 -14.13
CA ASN B 260 5.68 13.51 -13.08
C ASN B 260 4.66 14.52 -12.52
N LYS B 261 4.44 14.47 -11.20
CA LYS B 261 3.51 15.39 -10.54
C LYS B 261 3.79 16.84 -10.92
N SER B 262 5.05 17.24 -10.92
CA SER B 262 5.37 18.64 -11.21
C SER B 262 5.11 18.99 -12.67
N GLU B 263 5.21 18.01 -13.56
CA GLU B 263 4.93 18.26 -14.98
C GLU B 263 3.43 18.40 -15.22
N ARG B 264 2.64 17.59 -14.53
CA ARG B 264 1.19 17.55 -14.72
C ARG B 264 0.57 18.94 -14.65
N LEU B 265 -0.43 19.18 -15.50
CA LEU B 265 -1.18 20.43 -15.40
C LEU B 265 -1.87 20.53 -14.04
N SER B 266 -1.96 21.74 -13.52
CA SER B 266 -2.64 21.98 -12.27
C SER B 266 -4.12 22.29 -12.51
N ILE B 267 -4.85 22.63 -11.45
CA ILE B 267 -6.23 23.05 -11.59
C ILE B 267 -6.32 24.52 -11.97
N ARG B 268 -5.42 25.33 -11.44
CA ARG B 268 -5.27 26.68 -11.96
C ARG B 268 -5.00 26.64 -13.47
N ASP B 269 -4.05 25.80 -13.90
CA ASP B 269 -3.71 25.69 -15.31
C ASP B 269 -4.94 25.34 -16.15
N LEU B 270 -5.75 24.38 -15.68
CA LEU B 270 -6.93 23.97 -16.42
C LEU B 270 -7.96 25.09 -16.49
N LEU B 271 -8.20 25.78 -15.37
CA LEU B 271 -9.17 26.86 -15.37
C LEU B 271 -8.69 28.05 -16.19
N ASN B 272 -7.37 28.22 -16.34
CA ASN B 272 -6.83 29.28 -17.17
C ASN B 272 -7.13 29.07 -18.63
N HIS B 273 -7.36 27.82 -19.05
CA HIS B 273 -7.62 27.52 -20.44
C HIS B 273 -8.95 28.11 -20.90
N ALA B 274 -8.93 28.68 -22.12
CA ALA B 274 -10.17 29.16 -22.73
C ALA B 274 -11.13 28.03 -23.05
N PHE B 275 -10.64 26.78 -23.13
CA PHE B 275 -11.55 25.64 -23.23
C PHE B 275 -12.54 25.61 -22.07
N PHE B 276 -12.14 26.11 -20.90
CA PHE B 276 -13.01 26.12 -19.71
C PHE B 276 -13.43 27.54 -19.32
N ALA B 277 -13.58 28.44 -20.28
CA ALA B 277 -14.10 29.77 -19.99
C ALA B 277 -15.61 29.73 -19.83
#